data_5JEY
#
_entry.id   5JEY
#
_cell.length_a   41.360
_cell.length_b   65.980
_cell.length_c   89.450
_cell.angle_alpha   90.00
_cell.angle_beta   90.00
_cell.angle_gamma   90.00
#
_symmetry.space_group_name_H-M   'P 21 21 21'
#
loop_
_entity.id
_entity.type
_entity.pdbx_description
1 polymer 'Peptide deformylase'
2 non-polymer 'NICKEL (II) ION'
3 water water
#
_entity_poly.entity_id   1
_entity_poly.type   'polypeptide(L)'
_entity_poly.pdbx_seq_one_letter_code
;MAAIDKLVKASHLIDMNDIIREGNPTLRKVAEEVTFPLSEKEEILGEKMMQFLKHSQDPIMAEKLGLRGGVGLAAPQLDI
SKRIIAVLVPNVEDAQGNPPKEAYSLQEVMYNPKVVSHSVQDAALSDGEG(OCS)LSVDREVPGYVVRHARVTIEYFDKT
GEKHRLKLKGYNSIVVQHEIDHIDGIMFYDRINEKNPFAVKEGLLILE
;
_entity_poly.pdbx_strand_id   A
#
# COMPACT_ATOMS: atom_id res chain seq x y z
N ALA A 2 -5.74 -19.92 -12.30
CA ALA A 2 -4.88 -18.78 -11.91
C ALA A 2 -4.77 -18.60 -10.37
N ALA A 3 -3.67 -17.98 -9.96
CA ALA A 3 -3.57 -17.45 -8.61
C ALA A 3 -4.88 -16.80 -8.22
N ILE A 4 -5.56 -16.17 -9.19
CA ILE A 4 -6.80 -15.41 -8.86
C ILE A 4 -7.95 -16.27 -8.34
N ASP A 5 -8.06 -17.46 -8.90
CA ASP A 5 -9.07 -18.42 -8.56
C ASP A 5 -8.89 -18.95 -7.11
N LYS A 6 -7.68 -19.40 -6.77
CA LYS A 6 -7.35 -19.55 -5.34
C LYS A 6 -7.90 -18.38 -4.45
N LEU A 7 -7.64 -17.07 -4.78
CA LEU A 7 -7.88 -15.95 -3.80
C LEU A 7 -9.30 -15.57 -3.61
N VAL A 8 -10.10 -15.84 -4.66
CA VAL A 8 -11.51 -15.54 -4.58
C VAL A 8 -12.42 -16.66 -4.08
N LYS A 9 -12.06 -17.96 -4.06
CA LYS A 9 -12.90 -18.92 -3.23
C LYS A 9 -13.56 -18.24 -1.92
N ALA A 10 -14.89 -18.27 -1.77
CA ALA A 10 -15.54 -17.57 -0.65
C ALA A 10 -14.87 -17.87 0.64
N SER A 11 -14.59 -19.09 0.99
CA SER A 11 -13.99 -19.36 2.30
C SER A 11 -12.44 -19.05 2.43
N HIS A 12 -11.78 -18.47 1.46
CA HIS A 12 -10.33 -18.30 1.56
C HIS A 12 -9.95 -16.97 2.12
N LEU A 13 -9.12 -16.99 3.15
CA LEU A 13 -8.63 -15.81 3.77
C LEU A 13 -7.20 -15.72 3.28
N ILE A 14 -6.78 -14.55 2.82
CA ILE A 14 -5.42 -14.26 2.38
C ILE A 14 -4.48 -14.22 3.63
N ASP A 15 -3.26 -14.77 3.47
CA ASP A 15 -2.17 -14.88 4.50
C ASP A 15 -0.82 -14.71 3.86
N MET A 16 0.26 -14.92 4.61
CA MET A 16 1.60 -14.72 4.03
C MET A 16 1.94 -15.67 2.90
N ASN A 17 1.26 -16.78 2.80
CA ASN A 17 1.64 -17.69 1.73
C ASN A 17 1.06 -17.29 0.40
N ASP A 18 0.21 -16.25 0.37
CA ASP A 18 -0.30 -15.75 -0.90
C ASP A 18 0.52 -14.62 -1.52
N ILE A 19 1.35 -14.01 -0.68
CA ILE A 19 2.28 -12.94 -1.02
C ILE A 19 3.53 -13.52 -1.69
N ILE A 20 3.80 -13.08 -2.92
CA ILE A 20 5.03 -13.43 -3.57
C ILE A 20 6.17 -12.60 -3.02
N ARG A 21 7.36 -12.90 -3.51
CA ARG A 21 8.62 -12.42 -2.92
C ARG A 21 9.60 -11.78 -3.93
N GLU A 22 10.55 -11.03 -3.40
CA GLU A 22 11.59 -10.37 -4.15
C GLU A 22 12.20 -11.35 -5.19
N GLY A 23 12.16 -10.96 -6.46
CA GLY A 23 12.57 -11.87 -7.50
C GLY A 23 11.42 -12.44 -8.24
N ASN A 24 10.25 -12.59 -7.68
CA ASN A 24 9.18 -12.98 -8.59
C ASN A 24 9.12 -11.89 -9.64
N PRO A 25 9.21 -12.25 -10.92
CA PRO A 25 9.19 -11.26 -12.02
C PRO A 25 7.94 -10.35 -12.12
N THR A 26 6.84 -10.62 -11.38
CA THR A 26 5.59 -9.89 -11.46
C THR A 26 5.69 -8.57 -10.73
N LEU A 27 6.61 -8.53 -9.79
CA LEU A 27 6.84 -7.38 -8.93
C LEU A 27 7.42 -6.22 -9.69
N ARG A 28 7.85 -6.50 -10.91
CA ARG A 28 8.58 -5.53 -11.71
C ARG A 28 7.86 -5.23 -13.02
N LYS A 29 6.66 -5.70 -13.18
CA LYS A 29 5.97 -5.39 -14.39
C LYS A 29 5.13 -4.13 -14.19
N VAL A 30 4.65 -3.55 -15.26
CA VAL A 30 3.69 -2.46 -15.14
C VAL A 30 2.35 -3.17 -15.32
N ALA A 31 1.51 -3.11 -14.29
CA ALA A 31 0.17 -3.67 -14.18
C ALA A 31 -0.88 -3.13 -15.18
N GLU A 32 -1.69 -4.06 -15.67
CA GLU A 32 -2.79 -3.76 -16.49
C GLU A 32 -3.92 -2.99 -15.84
N GLU A 33 -4.33 -1.99 -16.58
CA GLU A 33 -5.48 -1.23 -16.22
C GLU A 33 -6.69 -2.11 -16.09
N VAL A 34 -7.68 -1.72 -15.30
CA VAL A 34 -8.86 -2.56 -15.18
C VAL A 34 -9.97 -1.75 -15.87
N THR A 35 -11.09 -2.39 -16.17
CA THR A 35 -12.15 -1.78 -16.89
C THR A 35 -13.44 -2.00 -16.09
N PHE A 36 -14.40 -1.08 -16.31
CA PHE A 36 -15.66 -1.02 -15.68
C PHE A 36 -16.81 -1.27 -16.71
N PRO A 37 -17.87 -2.03 -16.29
CA PRO A 37 -18.07 -2.32 -14.86
C PRO A 37 -17.15 -3.45 -14.48
N LEU A 38 -16.80 -3.61 -13.21
CA LEU A 38 -15.74 -4.59 -12.86
C LEU A 38 -16.24 -6.00 -12.88
N SER A 39 -15.42 -6.97 -13.25
CA SER A 39 -15.75 -8.40 -13.06
C SER A 39 -15.86 -8.78 -11.58
N GLU A 40 -16.69 -9.78 -11.27
CA GLU A 40 -16.93 -10.37 -9.93
C GLU A 40 -15.59 -10.58 -9.17
N LYS A 41 -14.60 -11.17 -9.83
CA LYS A 41 -13.28 -11.39 -9.25
C LYS A 41 -12.49 -10.15 -8.84
N GLU A 42 -12.54 -9.12 -9.64
CA GLU A 42 -11.86 -7.89 -9.29
C GLU A 42 -12.51 -7.17 -8.12
N GLU A 43 -13.85 -7.29 -8.06
CA GLU A 43 -14.64 -6.75 -6.96
C GLU A 43 -14.28 -7.54 -5.75
N ILE A 44 -14.42 -8.88 -5.85
CA ILE A 44 -14.08 -9.75 -4.73
C ILE A 44 -12.65 -9.54 -4.28
N LEU A 45 -11.68 -9.48 -5.18
CA LEU A 45 -10.29 -9.31 -4.75
C LEU A 45 -10.00 -8.05 -3.94
N GLY A 46 -10.79 -7.00 -4.16
CA GLY A 46 -10.62 -5.75 -3.49
C GLY A 46 -10.98 -5.93 -2.06
N GLU A 47 -11.96 -6.77 -1.81
CA GLU A 47 -12.48 -6.93 -0.46
C GLU A 47 -11.58 -7.84 0.33
N LYS A 48 -11.07 -8.89 -0.31
CA LYS A 48 -10.18 -9.83 0.36
C LYS A 48 -8.89 -9.15 0.82
N MET A 49 -8.36 -8.36 -0.09
CA MET A 49 -7.31 -7.43 0.13
C MET A 49 -7.54 -6.49 1.31
N MET A 50 -8.75 -5.91 1.39
CA MET A 50 -9.09 -5.01 2.50
C MET A 50 -9.15 -5.74 3.82
N GLN A 51 -9.86 -6.86 3.73
CA GLN A 51 -10.16 -7.73 4.86
C GLN A 51 -8.84 -8.20 5.45
N PHE A 52 -7.84 -8.42 4.57
CA PHE A 52 -6.49 -8.79 4.98
C PHE A 52 -5.78 -7.70 5.83
N LEU A 53 -6.02 -6.44 5.50
CA LEU A 53 -5.37 -5.40 6.19
C LEU A 53 -6.06 -5.21 7.51
N LYS A 54 -7.36 -5.48 7.58
CA LYS A 54 -8.08 -5.39 8.86
C LYS A 54 -7.49 -6.52 9.66
N HIS A 55 -7.41 -7.69 9.06
CA HIS A 55 -7.06 -8.87 9.84
C HIS A 55 -5.65 -8.68 10.38
N SER A 56 -4.81 -8.16 9.51
CA SER A 56 -3.43 -8.01 9.86
C SER A 56 -3.20 -6.95 10.93
N GLN A 57 -4.16 -6.09 11.14
CA GLN A 57 -3.97 -5.09 12.17
C GLN A 57 -4.73 -5.41 13.50
N ASP A 58 -5.71 -6.32 13.51
CA ASP A 58 -6.39 -6.67 14.79
C ASP A 58 -5.61 -7.77 15.51
N PRO A 59 -5.27 -7.55 16.84
CA PRO A 59 -4.13 -8.29 17.49
C PRO A 59 -4.26 -9.85 17.51
N ILE A 60 -5.48 -10.40 17.48
CA ILE A 60 -5.70 -11.87 17.57
C ILE A 60 -5.74 -12.64 16.21
N MET A 61 -6.39 -12.05 15.18
CA MET A 61 -6.33 -12.66 13.83
C MET A 61 -4.88 -12.62 13.33
N ALA A 62 -4.22 -11.50 13.65
CA ALA A 62 -2.89 -11.26 13.25
C ALA A 62 -2.08 -12.52 13.75
N GLU A 63 -2.33 -12.90 15.00
CA GLU A 63 -1.90 -14.13 15.64
C GLU A 63 -2.52 -15.41 15.02
N LYS A 64 -3.84 -15.53 14.87
CA LYS A 64 -4.29 -16.83 14.27
C LYS A 64 -3.65 -17.08 12.90
N LEU A 65 -3.62 -16.04 12.08
CA LEU A 65 -3.26 -16.22 10.69
C LEU A 65 -1.79 -16.08 10.55
N GLY A 66 -1.17 -15.57 11.61
CA GLY A 66 0.28 -15.35 11.63
C GLY A 66 0.75 -14.25 10.66
N LEU A 67 0.12 -13.07 10.74
CA LEU A 67 0.43 -11.92 9.86
C LEU A 67 1.30 -10.83 10.52
N ARG A 68 2.18 -10.25 9.71
CA ARG A 68 2.86 -9.00 10.07
C ARG A 68 1.90 -7.78 9.83
N GLY A 69 1.77 -6.91 10.84
CA GLY A 69 1.06 -5.58 10.71
C GLY A 69 1.41 -4.93 9.35
N GLY A 70 0.42 -4.27 8.68
CA GLY A 70 0.63 -3.62 7.37
C GLY A 70 -0.41 -2.52 7.12
N VAL A 71 -0.14 -1.54 6.26
CA VAL A 71 -1.15 -0.46 6.06
C VAL A 71 -1.58 -0.35 4.62
N GLY A 72 -0.95 -1.15 3.75
CA GLY A 72 -1.34 -1.25 2.38
C GLY A 72 -0.87 -2.52 1.66
N LEU A 73 -1.59 -2.86 0.61
CA LEU A 73 -1.28 -4.00 -0.13
C LEU A 73 -1.74 -3.67 -1.54
N ALA A 74 -0.88 -4.01 -2.54
CA ALA A 74 -1.13 -3.96 -3.97
C ALA A 74 -1.29 -5.36 -4.66
N ALA A 75 -2.16 -5.49 -5.67
CA ALA A 75 -2.47 -6.79 -6.30
C ALA A 75 -1.20 -7.43 -6.84
N PRO A 76 -0.29 -6.68 -7.49
CA PRO A 76 1.02 -7.37 -7.78
C PRO A 76 1.62 -8.22 -6.65
N GLN A 77 1.55 -7.87 -5.37
CA GLN A 77 2.15 -8.72 -4.35
C GLN A 77 1.44 -10.05 -4.18
N LEU A 78 0.47 -10.29 -5.03
CA LEU A 78 -0.34 -11.45 -4.85
C LEU A 78 -0.32 -12.31 -6.08
N ASP A 79 0.57 -11.96 -6.97
CA ASP A 79 0.77 -12.60 -8.32
C ASP A 79 -0.38 -12.19 -9.28
N ILE A 80 -0.96 -11.05 -9.04
CA ILE A 80 -2.00 -10.57 -9.90
C ILE A 80 -1.65 -9.17 -10.41
N SER A 81 -1.42 -9.06 -11.72
CA SER A 81 -0.88 -7.87 -12.37
C SER A 81 -1.93 -6.93 -12.93
N LYS A 82 -2.70 -6.34 -12.00
CA LYS A 82 -3.82 -5.44 -12.19
C LYS A 82 -3.56 -4.25 -11.32
N ARG A 83 -4.19 -3.11 -11.66
CA ARG A 83 -4.03 -1.85 -10.93
C ARG A 83 -5.16 -1.72 -9.91
N ILE A 84 -4.95 -2.40 -8.77
CA ILE A 84 -5.80 -2.47 -7.58
C ILE A 84 -4.83 -2.39 -6.36
N ILE A 85 -5.03 -1.40 -5.51
CA ILE A 85 -4.30 -1.22 -4.22
C ILE A 85 -5.42 -0.98 -3.20
N ALA A 86 -5.15 -1.39 -1.96
CA ALA A 86 -5.99 -1.09 -0.79
C ALA A 86 -5.09 -0.41 0.24
N VAL A 87 -5.66 0.57 0.92
CA VAL A 87 -4.90 1.31 1.91
C VAL A 87 -5.67 1.38 3.20
N LEU A 88 -4.99 1.29 4.35
CA LEU A 88 -5.75 1.35 5.62
C LEU A 88 -4.86 1.90 6.71
N VAL A 89 -5.01 3.13 7.07
CA VAL A 89 -4.04 3.73 7.99
C VAL A 89 -4.80 4.16 9.19
N PRO A 90 -4.60 3.46 10.31
CA PRO A 90 -5.31 3.77 11.57
C PRO A 90 -4.82 5.04 12.22
N ASN A 91 -5.73 5.71 12.89
CA ASN A 91 -5.34 6.79 13.79
C ASN A 91 -4.91 6.12 15.09
N VAL A 92 -4.11 6.74 15.94
CA VAL A 92 -3.79 6.15 17.26
C VAL A 92 -4.69 6.59 18.41
N GLU A 93 -4.67 5.82 19.51
CA GLU A 93 -5.29 6.19 20.82
C GLU A 93 -4.54 7.45 21.38
N ASP A 94 -5.17 8.21 22.22
CA ASP A 94 -4.47 9.24 22.92
C ASP A 94 -3.73 8.69 24.24
N ALA A 95 -3.12 9.57 25.04
CA ALA A 95 -2.42 9.15 26.25
C ALA A 95 -3.33 8.62 27.29
N GLN A 96 -4.61 8.92 27.22
CA GLN A 96 -5.53 8.53 28.25
C GLN A 96 -6.17 7.20 27.81
N GLY A 97 -5.70 6.64 26.68
CA GLY A 97 -6.28 5.41 26.21
C GLY A 97 -7.55 5.57 25.39
N ASN A 98 -8.12 6.79 25.28
CA ASN A 98 -9.42 7.00 24.56
C ASN A 98 -9.19 6.80 23.09
N PRO A 99 -10.01 5.95 22.44
CA PRO A 99 -9.92 5.65 20.98
C PRO A 99 -9.97 6.94 20.16
N PRO A 100 -9.42 7.02 18.95
CA PRO A 100 -9.74 8.36 18.33
C PRO A 100 -11.21 8.54 17.76
N LYS A 101 -11.50 9.82 17.39
CA LYS A 101 -12.74 10.34 16.71
C LYS A 101 -13.17 9.46 15.52
N GLU A 102 -12.35 9.51 14.43
CA GLU A 102 -12.43 8.66 13.19
C GLU A 102 -11.31 7.54 13.37
N ALA A 103 -11.66 6.27 13.09
CA ALA A 103 -10.84 5.07 13.25
C ALA A 103 -9.62 5.12 12.42
N TYR A 104 -9.80 5.56 11.18
CA TYR A 104 -8.79 5.41 10.12
C TYR A 104 -8.44 6.79 9.60
N SER A 105 -7.21 7.03 9.12
CA SER A 105 -7.03 8.33 8.43
C SER A 105 -7.29 8.12 7.00
N LEU A 106 -7.47 6.87 6.59
CA LEU A 106 -7.64 6.53 5.16
C LEU A 106 -7.95 5.06 5.07
N GLN A 107 -9.06 4.78 4.44
CA GLN A 107 -9.55 3.47 4.30
C GLN A 107 -10.13 3.47 2.91
N GLU A 108 -9.52 2.75 1.99
CA GLU A 108 -9.96 2.77 0.62
C GLU A 108 -9.36 1.62 -0.20
N VAL A 109 -10.20 1.01 -1.05
CA VAL A 109 -9.72 0.12 -2.10
C VAL A 109 -9.86 0.91 -3.40
N MET A 110 -8.75 1.10 -4.08
CA MET A 110 -8.70 2.00 -5.21
C MET A 110 -8.32 1.21 -6.42
N TYR A 111 -9.08 1.46 -7.47
CA TYR A 111 -8.82 0.95 -8.80
C TYR A 111 -8.16 2.00 -9.65
N ASN A 112 -7.13 1.63 -10.40
CA ASN A 112 -6.41 2.54 -11.33
C ASN A 112 -5.85 3.79 -10.65
N PRO A 113 -5.18 3.61 -9.54
CA PRO A 113 -4.83 4.85 -8.86
C PRO A 113 -3.78 5.56 -9.70
N LYS A 114 -3.65 6.89 -9.60
CA LYS A 114 -2.42 7.54 -10.20
C LYS A 114 -2.04 8.81 -9.48
N VAL A 115 -0.78 9.15 -9.41
CA VAL A 115 -0.42 10.54 -9.01
C VAL A 115 -0.64 11.56 -10.12
N VAL A 116 -1.52 12.54 -9.93
CA VAL A 116 -1.71 13.54 -10.99
C VAL A 116 -0.94 14.86 -10.78
N SER A 117 -0.54 15.21 -9.54
CA SER A 117 0.43 16.29 -9.36
C SER A 117 0.93 16.13 -7.96
N HIS A 118 2.02 16.81 -7.64
CA HIS A 118 2.75 16.68 -6.35
C HIS A 118 3.47 17.97 -6.03
N SER A 119 3.97 18.03 -4.83
CA SER A 119 4.73 19.13 -4.24
C SER A 119 6.13 19.03 -4.77
N VAL A 120 6.87 20.13 -4.84
CA VAL A 120 8.30 20.13 -5.22
C VAL A 120 9.16 19.60 -4.02
N GLN A 121 8.70 19.81 -2.76
CA GLN A 121 9.31 19.22 -1.56
C GLN A 121 9.21 17.68 -1.36
N ASP A 122 10.31 17.11 -0.90
CA ASP A 122 10.44 15.68 -0.75
C ASP A 122 10.28 15.46 0.68
N ALA A 123 9.81 14.26 1.04
CA ALA A 123 9.72 13.76 2.42
C ALA A 123 10.16 12.29 2.47
N ALA A 124 10.47 11.78 3.68
CA ALA A 124 10.86 10.36 3.93
C ALA A 124 10.51 10.01 5.37
N LEU A 125 9.82 8.88 5.65
CA LEU A 125 9.63 8.43 7.01
C LEU A 125 10.98 8.28 7.70
N SER A 126 11.03 8.68 8.97
CA SER A 126 12.29 8.60 9.70
C SER A 126 12.68 7.13 10.00
N ASP A 127 11.73 6.26 10.40
CA ASP A 127 12.08 4.84 10.67
C ASP A 127 12.37 3.95 9.37
N GLY A 128 12.38 4.53 8.17
CA GLY A 128 12.56 3.80 6.89
C GLY A 128 11.24 3.10 6.52
N GLU A 129 11.27 2.26 5.48
CA GLU A 129 10.07 1.59 5.03
C GLU A 129 10.15 0.06 5.11
N GLY A 130 8.99 -0.61 5.12
CA GLY A 130 8.95 -2.05 5.27
C GLY A 130 8.20 -2.68 4.11
N LEU A 132 6.29 -6.60 2.82
CA LEU A 132 6.01 -8.04 2.92
C LEU A 132 6.59 -8.92 1.80
N SER A 133 7.01 -8.35 0.73
CA SER A 133 7.64 -9.19 -0.25
C SER A 133 9.18 -9.27 0.02
N VAL A 134 9.68 -8.55 1.00
CA VAL A 134 11.10 -8.37 1.23
C VAL A 134 11.50 -8.89 2.61
N ASP A 135 12.50 -9.78 2.66
CA ASP A 135 12.92 -10.35 3.97
C ASP A 135 14.34 -9.98 4.23
N ARG A 136 14.71 -8.75 3.95
CA ARG A 136 16.04 -8.34 4.28
C ARG A 136 15.83 -7.18 5.20
N GLU A 137 16.77 -6.82 6.08
CA GLU A 137 16.71 -5.53 6.78
C GLU A 137 17.29 -4.59 5.71
N VAL A 138 16.58 -3.55 5.32
CA VAL A 138 17.10 -2.59 4.29
C VAL A 138 17.08 -1.18 4.89
N PRO A 139 18.21 -0.66 5.43
CA PRO A 139 18.21 0.65 6.09
C PRO A 139 18.17 1.85 5.11
N GLY A 140 17.61 2.97 5.58
CA GLY A 140 17.82 4.20 4.89
C GLY A 140 16.48 4.87 4.62
N TYR A 141 16.60 6.09 4.15
CA TYR A 141 15.48 6.92 3.85
C TYR A 141 15.01 6.65 2.44
N VAL A 142 13.73 6.34 2.30
CA VAL A 142 13.13 6.14 0.98
C VAL A 142 12.51 7.44 0.52
N VAL A 143 13.14 8.23 -0.36
CA VAL A 143 12.66 9.60 -0.68
C VAL A 143 11.42 9.71 -1.65
N ARG A 144 10.29 10.24 -1.13
CA ARG A 144 9.04 10.40 -1.85
C ARG A 144 8.57 11.94 -1.91
N HIS A 145 7.57 12.30 -2.75
CA HIS A 145 6.95 13.62 -2.73
C HIS A 145 6.37 13.83 -1.33
N ALA A 146 6.35 15.06 -0.79
CA ALA A 146 5.75 15.37 0.51
C ALA A 146 4.24 15.31 0.39
N ARG A 147 3.73 15.88 -0.68
CA ARG A 147 2.30 15.97 -0.81
C ARG A 147 1.91 15.48 -2.19
N VAL A 148 0.80 14.79 -2.31
CA VAL A 148 0.38 14.23 -3.63
C VAL A 148 -1.02 14.56 -3.94
N THR A 149 -1.39 14.76 -5.17
CA THR A 149 -2.80 14.75 -5.55
C THR A 149 -3.02 13.46 -6.30
N ILE A 150 -4.09 12.74 -6.12
CA ILE A 150 -4.28 11.51 -6.93
C ILE A 150 -5.72 11.40 -7.43
N GLU A 151 -5.96 10.57 -8.41
CA GLU A 151 -7.31 10.17 -8.80
C GLU A 151 -7.31 8.68 -8.75
N TYR A 152 -8.48 8.08 -8.65
CA TYR A 152 -8.59 6.64 -8.73
C TYR A 152 -10.05 6.31 -8.86
N PHE A 153 -10.44 5.08 -9.18
CA PHE A 153 -11.89 4.79 -9.21
C PHE A 153 -12.02 3.87 -8.09
N ASP A 154 -13.18 3.85 -7.47
CA ASP A 154 -13.54 2.75 -6.63
C ASP A 154 -14.24 1.67 -7.42
N LYS A 155 -14.96 0.77 -6.73
CA LYS A 155 -15.53 -0.45 -7.37
C LYS A 155 -16.88 -0.25 -8.09
N THR A 156 -17.40 0.95 -8.01
CA THR A 156 -18.67 1.31 -8.66
C THR A 156 -18.31 2.10 -9.90
N GLY A 157 -17.02 2.39 -10.05
CA GLY A 157 -16.64 3.18 -11.20
C GLY A 157 -16.62 4.70 -11.03
N GLU A 158 -17.24 5.24 -9.98
CA GLU A 158 -17.08 6.65 -9.54
C GLU A 158 -15.59 7.06 -9.39
N LYS A 159 -15.26 8.22 -9.99
CA LYS A 159 -13.87 8.73 -10.04
C LYS A 159 -13.59 9.65 -8.88
N HIS A 160 -12.43 9.56 -8.23
CA HIS A 160 -12.17 10.37 -7.03
C HIS A 160 -10.95 11.22 -7.15
N ARG A 161 -10.95 12.45 -6.65
CA ARG A 161 -9.74 13.27 -6.71
C ARG A 161 -9.26 13.64 -5.35
N LEU A 162 -8.02 13.42 -5.00
CA LEU A 162 -7.81 13.68 -3.59
C LEU A 162 -6.39 14.10 -3.22
N LYS A 163 -6.26 15.10 -2.33
CA LYS A 163 -4.91 15.52 -1.87
C LYS A 163 -4.52 14.92 -0.52
N LEU A 164 -3.26 14.50 -0.38
CA LEU A 164 -2.80 13.87 0.85
C LEU A 164 -1.47 14.38 1.22
N LYS A 165 -1.20 14.39 2.52
CA LYS A 165 0.10 14.71 3.04
C LYS A 165 0.42 13.76 4.18
N GLY A 166 1.44 14.18 4.89
CA GLY A 166 2.05 13.36 5.93
C GLY A 166 2.21 11.88 5.58
N TYR A 167 1.91 11.09 6.55
CA TYR A 167 2.04 9.65 6.44
C TYR A 167 1.14 8.95 5.40
N ASN A 168 -0.07 9.45 5.23
CA ASN A 168 -1.00 8.87 4.28
C ASN A 168 -0.55 8.91 2.87
N SER A 169 0.09 10.04 2.56
CA SER A 169 0.86 10.35 1.34
C SER A 169 1.96 9.36 1.14
N ILE A 170 2.87 9.18 2.09
CA ILE A 170 3.80 8.06 1.87
C ILE A 170 3.14 6.71 1.49
N VAL A 171 2.25 6.25 2.32
CA VAL A 171 1.69 4.92 2.10
C VAL A 171 1.01 4.69 0.72
N VAL A 172 0.30 5.70 0.21
CA VAL A 172 -0.38 5.56 -1.07
C VAL A 172 0.66 5.50 -2.22
N GLN A 173 1.68 6.34 -2.05
CA GLN A 173 2.85 6.42 -2.96
C GLN A 173 3.59 5.06 -3.10
N HIS A 174 3.71 4.35 -1.99
CA HIS A 174 4.40 3.11 -1.97
C HIS A 174 3.52 2.03 -2.62
N GLU A 175 2.25 2.04 -2.25
CA GLU A 175 1.31 1.17 -2.91
C GLU A 175 1.27 1.46 -4.43
N ILE A 176 1.09 2.71 -4.93
CA ILE A 176 1.12 3.01 -6.41
C ILE A 176 2.37 2.57 -7.21
N ASP A 177 3.50 2.66 -6.54
CA ASP A 177 4.72 2.16 -7.10
C ASP A 177 4.64 0.70 -7.45
N HIS A 178 3.98 -0.07 -6.59
CA HIS A 178 3.90 -1.50 -6.76
C HIS A 178 3.20 -1.80 -8.04
N ILE A 179 2.22 -0.98 -8.46
CA ILE A 179 1.48 -1.29 -9.66
C ILE A 179 2.24 -0.73 -10.90
N ASP A 180 3.47 -0.25 -10.70
CA ASP A 180 4.35 0.10 -11.78
C ASP A 180 5.68 -0.62 -11.68
N GLY A 181 5.79 -1.58 -10.79
CA GLY A 181 7.01 -2.41 -10.83
C GLY A 181 8.14 -1.67 -10.16
N ILE A 182 7.82 -0.73 -9.30
CA ILE A 182 8.89 -0.07 -8.62
C ILE A 182 8.95 -0.47 -7.16
N MET A 183 10.16 -0.78 -6.65
CA MET A 183 10.35 -1.24 -5.22
C MET A 183 10.99 -0.16 -4.41
N PHE A 184 10.83 -0.19 -3.08
CA PHE A 184 11.09 1.02 -2.33
C PHE A 184 12.51 1.45 -2.27
N TYR A 185 13.34 0.43 -2.12
CA TYR A 185 14.80 0.56 -2.14
C TYR A 185 15.30 1.19 -3.45
N ASP A 186 14.43 1.32 -4.46
CA ASP A 186 14.80 2.08 -5.67
C ASP A 186 14.91 3.60 -5.38
N ARG A 187 14.51 4.09 -4.19
CA ARG A 187 14.52 5.51 -3.85
C ARG A 187 15.35 5.73 -2.58
N ILE A 188 16.15 4.74 -2.20
CA ILE A 188 17.21 4.89 -1.21
C ILE A 188 18.51 5.26 -1.96
N ASN A 189 19.23 6.28 -1.47
CA ASN A 189 20.48 6.77 -2.08
C ASN A 189 21.54 5.71 -2.14
N GLU A 190 22.02 5.39 -3.34
CA GLU A 190 23.04 4.31 -3.57
C GLU A 190 24.29 4.44 -2.72
N LYS A 191 25.00 5.60 -2.82
CA LYS A 191 26.24 5.88 -2.04
C LYS A 191 26.01 5.95 -0.49
N ASN A 192 25.28 6.93 0.04
CA ASN A 192 24.91 6.94 1.48
C ASN A 192 23.39 6.89 1.70
N PRO A 193 22.88 5.80 2.29
CA PRO A 193 21.49 5.61 2.58
C PRO A 193 20.84 6.62 3.48
N PHE A 194 21.59 7.46 4.12
CA PHE A 194 20.96 8.37 5.07
C PHE A 194 21.34 9.80 4.71
N ALA A 195 21.78 10.00 3.47
CA ALA A 195 22.07 11.31 2.94
C ALA A 195 20.81 12.12 3.08
N VAL A 196 20.96 13.37 3.46
CA VAL A 196 19.80 14.27 3.61
C VAL A 196 19.99 15.53 2.80
N LYS A 197 19.35 15.60 1.64
CA LYS A 197 19.41 16.81 0.80
C LYS A 197 18.64 17.90 1.54
N GLU A 198 19.15 19.11 1.52
CA GLU A 198 18.48 20.16 2.28
C GLU A 198 17.03 20.38 1.84
N GLY A 199 16.19 20.49 2.85
CA GLY A 199 14.77 20.73 2.71
C GLY A 199 13.96 19.42 2.73
N LEU A 200 14.69 18.25 2.66
CA LEU A 200 14.01 16.94 2.72
C LEU A 200 13.25 16.88 4.02
N LEU A 201 11.97 16.58 3.97
CA LEU A 201 11.17 16.56 5.21
C LEU A 201 11.18 15.13 5.80
N ILE A 202 11.67 15.00 7.04
CA ILE A 202 11.72 13.70 7.72
C ILE A 202 10.52 13.56 8.64
N LEU A 203 9.63 12.59 8.40
CA LEU A 203 8.47 12.40 9.33
C LEU A 203 8.73 11.35 10.50
N GLU A 204 8.58 11.73 11.79
CA GLU A 204 9.32 10.95 12.89
C GLU A 204 8.55 9.85 13.60
#